data_2AHN
#
_entry.id   2AHN
#
_cell.length_a   44.288
_cell.length_b   41.150
_cell.length_c   58.946
_cell.angle_alpha   90.00
_cell.angle_beta   107.08
_cell.angle_gamma   90.00
#
_symmetry.space_group_name_H-M   'P 1 21 1'
#
loop_
_entity.id
_entity.type
_entity.pdbx_description
1 polymer 'Thaumatin-like protein'
2 water water
#
_entity_poly.entity_id   1
_entity_poly.type   'polypeptide(L)'
_entity_poly.pdbx_seq_one_letter_code
;ATISFKNNCPYMVWPGTLTSDQKPQLSTTGFELASQASFQLDTPVPWNGRFWARTGCSTDASGKFVCATADCASGQVMCN
GNGAIPPATLAEFNIPAGGGQDFYDVSLVDGFNLPMSVTPQGGTGDCKTASCPANVNAVCPSELQKKGSDGSVVACLSAC
VKFGTPQYCCTPPQNTPETCPPTNYSEIFHNACPDAYSYAYDDKRGTFTCNGGPNYAITFCP
;
_entity_poly.pdbx_strand_id   A
#
# COMPACT_ATOMS: atom_id res chain seq x y z
N ALA A 1 16.58 2.82 6.53
CA ALA A 1 16.55 2.56 5.14
C ALA A 1 16.31 3.88 4.41
N THR A 2 17.01 3.97 3.30
CA THR A 2 16.71 4.96 2.27
C THR A 2 15.62 4.34 1.38
N ILE A 3 14.51 5.08 1.25
CA ILE A 3 13.39 4.67 0.41
C ILE A 3 13.41 5.56 -0.81
N SER A 4 13.62 4.92 -1.97
CA SER A 4 13.64 5.62 -3.26
C SER A 4 12.34 5.40 -3.98
N PHE A 5 11.54 6.42 -4.26
CA PHE A 5 10.33 6.33 -5.00
C PHE A 5 10.52 6.66 -6.47
N LYS A 6 9.93 5.83 -7.35
CA LYS A 6 9.96 6.08 -8.79
C LYS A 6 8.54 5.92 -9.32
N ASN A 7 8.05 6.98 -9.97
CA ASN A 7 6.71 6.89 -10.57
C ASN A 7 6.86 6.47 -12.02
N ASN A 8 6.57 5.23 -12.33
CA ASN A 8 6.60 4.75 -13.71
C ASN A 8 5.24 4.85 -14.38
N CYS A 9 4.23 5.37 -13.69
CA CYS A 9 2.91 5.56 -14.28
C CYS A 9 2.93 6.73 -15.28
N PRO A 10 2.03 6.75 -16.23
CA PRO A 10 1.96 7.90 -17.16
C PRO A 10 1.25 9.10 -16.57
N TYR A 11 0.75 8.97 -15.35
CA TYR A 11 0.05 10.02 -14.62
C TYR A 11 0.84 10.31 -13.36
N MET A 12 0.72 11.56 -12.91
CA MET A 12 1.23 12.02 -11.62
C MET A 12 0.56 11.22 -10.50
N VAL A 13 1.31 10.94 -9.46
CA VAL A 13 0.72 10.38 -8.24
C VAL A 13 1.19 11.24 -7.07
N TRP A 14 0.54 11.10 -5.93
CA TRP A 14 0.88 11.86 -4.72
C TRP A 14 1.10 10.86 -3.60
N PRO A 15 2.32 10.40 -3.39
CA PRO A 15 2.54 9.46 -2.26
C PRO A 15 2.13 10.05 -0.91
N GLY A 16 1.71 9.14 -0.06
CA GLY A 16 1.50 9.38 1.36
C GLY A 16 2.41 8.50 2.16
N THR A 17 2.77 8.96 3.37
CA THR A 17 3.56 8.14 4.26
C THR A 17 2.97 8.19 5.66
N LEU A 18 3.22 7.14 6.41
CA LEU A 18 2.70 6.98 7.76
C LEU A 18 3.59 6.13 8.62
N THR A 19 3.94 6.62 9.79
CA THR A 19 4.53 5.85 10.84
C THR A 19 3.39 5.31 11.69
N SER A 20 3.40 4.04 11.99
CA SER A 20 2.36 3.40 12.78
C SER A 20 2.38 3.81 14.25
N ASP A 21 1.21 3.77 14.85
CA ASP A 21 1.02 3.85 16.30
C ASP A 21 1.52 5.13 16.91
N GLN A 22 1.44 6.20 16.11
CA GLN A 22 1.77 7.57 16.55
C GLN A 22 3.19 7.65 17.10
N LYS A 23 4.11 6.80 16.63
CA LYS A 23 5.55 7.04 16.74
C LYS A 23 5.92 8.14 15.73
N PRO A 24 7.10 8.70 15.85
CA PRO A 24 7.38 9.89 15.04
C PRO A 24 7.28 9.60 13.54
N GLN A 25 6.66 10.52 12.84
CA GLN A 25 6.47 10.50 11.39
C GLN A 25 7.82 10.73 10.69
N LEU A 26 7.82 10.35 9.43
CA LEU A 26 8.93 10.61 8.53
C LEU A 26 9.03 12.09 8.24
N SER A 27 10.14 12.47 7.62
CA SER A 27 10.38 13.85 7.21
C SER A 27 9.30 14.42 6.31
N THR A 28 8.62 13.58 5.58
CA THR A 28 7.40 14.01 4.88
C THR A 28 6.35 12.97 5.06
N THR A 29 5.11 13.38 5.19
CA THR A 29 3.90 12.56 5.17
C THR A 29 3.14 12.61 3.86
N GLY A 30 3.66 13.31 2.84
CA GLY A 30 3.02 13.27 1.55
C GLY A 30 3.64 14.29 0.60
N PHE A 31 3.67 13.97 -0.68
CA PHE A 31 4.34 14.82 -1.67
C PHE A 31 3.79 14.47 -3.06
N GLU A 32 4.10 15.34 -4.01
CA GLU A 32 3.79 15.19 -5.42
C GLU A 32 4.92 14.43 -6.12
N LEU A 33 4.58 13.53 -7.04
CA LEU A 33 5.55 12.79 -7.80
C LEU A 33 5.08 12.66 -9.24
N ALA A 34 5.63 13.49 -10.14
CA ALA A 34 5.30 13.47 -11.55
C ALA A 34 5.65 12.13 -12.19
N SER A 35 4.98 11.86 -13.31
CA SER A 35 5.34 10.73 -14.14
C SER A 35 6.85 10.78 -14.46
N GLN A 36 7.54 9.68 -14.20
CA GLN A 36 8.93 9.39 -14.42
C GLN A 36 9.85 10.09 -13.44
N ALA A 37 9.30 10.76 -12.43
CA ALA A 37 10.09 11.43 -11.39
C ALA A 37 10.44 10.47 -10.26
N SER A 38 11.49 10.82 -9.51
CA SER A 38 11.94 10.08 -8.37
C SER A 38 12.08 11.00 -7.16
N PHE A 39 12.06 10.41 -5.98
CA PHE A 39 12.23 11.12 -4.70
C PHE A 39 12.78 10.13 -3.69
N GLN A 40 13.60 10.61 -2.76
CA GLN A 40 14.17 9.73 -1.74
C GLN A 40 13.95 10.33 -0.35
N LEU A 41 13.76 9.44 0.62
CA LEU A 41 13.73 9.86 2.02
C LEU A 41 14.44 8.76 2.82
N ASP A 42 14.79 9.08 4.02
CA ASP A 42 15.39 8.12 4.95
C ASP A 42 14.41 7.91 6.10
N THR A 43 14.34 6.67 6.53
CA THR A 43 13.49 6.28 7.66
C THR A 43 14.36 6.27 8.91
N PRO A 44 13.83 6.42 10.13
CA PRO A 44 14.60 6.10 11.35
C PRO A 44 14.82 4.58 11.33
N VAL A 45 15.64 4.13 12.26
CA VAL A 45 15.90 2.71 12.51
C VAL A 45 15.81 2.53 14.01
N PRO A 46 14.85 1.77 14.55
CA PRO A 46 13.86 1.01 13.82
C PRO A 46 12.78 1.90 13.25
N TRP A 47 11.98 1.29 12.37
CA TRP A 47 10.79 1.93 11.84
C TRP A 47 9.72 0.91 11.44
N ASN A 48 8.47 1.30 11.73
CA ASN A 48 7.30 0.53 11.28
C ASN A 48 6.27 1.49 10.69
N GLY A 49 5.95 1.29 9.43
CA GLY A 49 4.97 2.15 8.80
C GLY A 49 4.65 1.71 7.39
N ARG A 50 4.11 2.65 6.63
CA ARG A 50 3.60 2.28 5.30
C ARG A 50 3.56 3.50 4.40
N PHE A 51 3.37 3.19 3.10
CA PHE A 51 3.27 4.15 2.04
C PHE A 51 2.10 3.75 1.11
N TRP A 52 1.58 4.74 0.42
CA TRP A 52 0.55 4.59 -0.61
C TRP A 52 0.72 5.73 -1.61
N ALA A 53 -0.10 5.74 -2.65
CA ALA A 53 -0.04 6.86 -3.58
C ALA A 53 -1.44 7.20 -4.03
N ARG A 54 -1.76 8.50 -4.02
CA ARG A 54 -3.03 9.04 -4.41
C ARG A 54 -3.02 9.42 -5.90
N THR A 55 -4.22 9.36 -6.46
CA THR A 55 -4.46 9.78 -7.85
C THR A 55 -5.66 10.72 -7.92
N GLY A 56 -5.76 11.48 -9.02
CA GLY A 56 -6.91 12.34 -9.18
C GLY A 56 -7.01 13.47 -8.16
N CYS A 57 -5.92 14.21 -7.96
CA CYS A 57 -5.82 15.18 -6.89
C CYS A 57 -5.93 16.61 -7.40
N SER A 58 -6.53 17.47 -6.59
CA SER A 58 -6.61 18.91 -6.85
C SER A 58 -6.80 19.64 -5.53
N THR A 59 -6.61 20.93 -5.59
CA THR A 59 -6.85 21.80 -4.44
C THR A 59 -8.06 22.68 -4.77
N ASP A 60 -9.05 22.73 -3.89
CA ASP A 60 -10.26 23.54 -4.09
C ASP A 60 -9.95 25.00 -3.81
N ALA A 61 -10.93 25.85 -4.05
CA ALA A 61 -10.76 27.28 -3.88
C ALA A 61 -10.47 27.70 -2.43
N SER A 62 -10.70 26.81 -1.44
CA SER A 62 -10.49 27.03 -0.03
C SER A 62 -9.13 26.54 0.46
N GLY A 63 -8.41 25.94 -0.46
CA GLY A 63 -7.13 25.38 -0.12
C GLY A 63 -7.14 23.94 0.32
N LYS A 64 -8.27 23.28 0.16
CA LYS A 64 -8.35 21.89 0.57
C LYS A 64 -7.91 20.93 -0.54
N PHE A 65 -6.93 20.09 -0.27
CA PHE A 65 -6.42 19.11 -1.20
C PHE A 65 -7.22 17.83 -1.08
N VAL A 66 -7.76 17.38 -2.18
CA VAL A 66 -8.65 16.22 -2.26
C VAL A 66 -8.31 15.38 -3.50
N CYS A 67 -8.29 14.08 -3.28
CA CYS A 67 -7.96 13.12 -4.31
C CYS A 67 -9.04 12.07 -4.54
N ALA A 68 -9.13 11.57 -5.78
CA ALA A 68 -10.06 10.51 -6.14
C ALA A 68 -9.75 9.20 -5.45
N THR A 69 -8.47 8.85 -5.34
CA THR A 69 -8.13 7.58 -4.73
C THR A 69 -7.07 7.75 -3.65
N ALA A 70 -7.21 6.91 -2.62
CA ALA A 70 -6.33 6.82 -1.47
C ALA A 70 -6.19 8.13 -0.70
N ASP A 71 -7.23 8.97 -0.80
CA ASP A 71 -7.18 10.25 -0.11
C ASP A 71 -6.93 10.04 1.39
N CYS A 72 -6.10 10.88 2.00
CA CYS A 72 -5.82 10.72 3.43
C CYS A 72 -6.58 11.77 4.25
N ALA A 73 -7.34 12.68 3.66
CA ALA A 73 -8.32 13.49 4.35
C ALA A 73 -7.65 14.38 5.40
N SER A 74 -6.41 14.80 5.11
CA SER A 74 -5.78 15.83 5.93
C SER A 74 -6.14 17.24 5.45
N GLY A 75 -6.65 17.33 4.22
CA GLY A 75 -6.90 18.56 3.51
C GLY A 75 -5.62 19.16 2.95
N GLN A 76 -4.48 18.55 3.10
CA GLN A 76 -3.20 19.02 2.59
C GLN A 76 -2.52 17.93 1.80
N VAL A 77 -1.45 18.31 1.06
CA VAL A 77 -0.65 17.27 0.39
C VAL A 77 -0.03 16.34 1.43
N MET A 78 0.52 16.92 2.51
CA MET A 78 1.00 16.07 3.61
C MET A 78 -0.14 15.41 4.38
N CYS A 79 -0.05 14.12 4.64
CA CYS A 79 -1.15 13.40 5.30
C CYS A 79 -1.23 13.54 6.78
N ASN A 80 -0.23 14.00 7.43
CA ASN A 80 -0.15 14.52 8.77
C ASN A 80 -0.54 13.46 9.81
N GLY A 81 -0.18 12.20 9.60
CA GLY A 81 -0.56 11.15 10.53
C GLY A 81 -1.87 10.48 10.25
N ASN A 82 -2.61 10.95 9.26
CA ASN A 82 -3.74 10.19 8.77
C ASN A 82 -3.28 9.10 7.81
N GLY A 83 -3.99 7.99 7.82
CA GLY A 83 -3.87 6.92 6.85
C GLY A 83 -4.71 7.23 5.60
N ALA A 84 -4.53 6.35 4.60
CA ALA A 84 -5.32 6.45 3.39
C ALA A 84 -6.73 5.90 3.64
N ILE A 85 -7.74 6.59 3.15
CA ILE A 85 -9.09 6.05 3.16
C ILE A 85 -9.19 5.00 2.08
N PRO A 86 -9.48 3.76 2.45
CA PRO A 86 -9.58 2.71 1.42
C PRO A 86 -10.62 2.99 0.36
N PRO A 87 -10.48 2.45 -0.85
CA PRO A 87 -9.44 1.52 -1.26
C PRO A 87 -8.08 2.13 -1.55
N ALA A 88 -7.01 1.44 -1.16
CA ALA A 88 -5.67 1.92 -1.37
C ALA A 88 -4.73 0.73 -1.33
N THR A 89 -3.88 0.59 -2.35
CA THR A 89 -2.75 -0.33 -2.33
C THR A 89 -1.71 0.15 -1.29
N LEU A 90 -1.15 -0.76 -0.50
CA LEU A 90 -0.21 -0.32 0.50
C LEU A 90 1.15 -1.01 0.36
N ALA A 91 2.21 -0.27 0.68
CA ALA A 91 3.56 -0.82 0.84
C ALA A 91 3.90 -0.70 2.33
N GLU A 92 4.22 -1.82 2.98
CA GLU A 92 4.36 -1.84 4.46
C GLU A 92 5.74 -2.34 4.85
N PHE A 93 6.25 -1.80 5.97
CA PHE A 93 7.61 -2.11 6.43
C PHE A 93 7.67 -2.27 7.94
N ASN A 94 8.47 -3.22 8.36
CA ASN A 94 8.86 -3.35 9.73
C ASN A 94 10.38 -3.53 9.71
N ILE A 95 11.11 -2.52 10.11
CA ILE A 95 12.55 -2.50 10.05
C ILE A 95 13.09 -2.46 11.48
N PRO A 96 13.77 -3.50 11.92
CA PRO A 96 14.34 -3.52 13.28
C PRO A 96 15.67 -2.76 13.29
N ALA A 97 16.15 -2.50 14.49
CA ALA A 97 17.49 -2.07 14.74
C ALA A 97 18.50 -3.18 14.53
N GLY A 98 19.75 -2.84 14.17
CA GLY A 98 20.83 -3.77 14.32
C GLY A 98 21.10 -4.72 13.18
N GLY A 99 20.47 -4.53 12.03
CA GLY A 99 20.78 -5.30 10.86
C GLY A 99 20.08 -6.65 10.80
N GLY A 100 19.10 -6.85 11.67
CA GLY A 100 18.33 -8.09 11.62
C GLY A 100 17.33 -8.09 10.48
N GLN A 101 16.30 -8.93 10.60
CA GLN A 101 15.34 -9.23 9.60
C GLN A 101 14.28 -8.16 9.43
N ASP A 102 14.34 -7.47 8.28
CA ASP A 102 13.25 -6.62 7.83
C ASP A 102 12.11 -7.47 7.30
N PHE A 103 10.88 -7.03 7.52
CA PHE A 103 9.68 -7.56 6.87
C PHE A 103 9.09 -6.42 6.04
N TYR A 104 8.69 -6.72 4.81
CA TYR A 104 8.05 -5.74 3.97
C TYR A 104 7.03 -6.49 3.12
N ASP A 105 6.15 -5.71 2.49
CA ASP A 105 5.14 -6.29 1.61
C ASP A 105 4.46 -5.20 0.79
N VAL A 106 3.78 -5.67 -0.25
CA VAL A 106 2.73 -4.90 -0.88
C VAL A 106 1.45 -5.60 -0.48
N SER A 107 0.41 -4.86 -0.10
CA SER A 107 -0.79 -5.45 0.43
C SER A 107 -2.04 -4.85 -0.18
N LEU A 108 -3.00 -5.72 -0.46
CA LEU A 108 -4.35 -5.36 -0.92
C LEU A 108 -5.37 -5.57 0.20
N VAL A 109 -4.95 -5.64 1.46
N VAL A 109 -4.95 -5.64 1.45
CA VAL A 109 -5.89 -5.78 2.57
CA VAL A 109 -5.88 -5.81 2.56
C VAL A 109 -6.93 -4.65 2.53
C VAL A 109 -6.87 -4.64 2.63
N ASP A 110 -6.47 -3.44 2.23
CA ASP A 110 -7.33 -2.27 2.17
C ASP A 110 -7.75 -1.97 0.74
N GLY A 111 -7.72 -2.96 -0.13
CA GLY A 111 -8.07 -2.82 -1.50
C GLY A 111 -6.90 -2.44 -2.38
N PHE A 112 -7.21 -2.00 -3.59
CA PHE A 112 -6.29 -1.64 -4.64
C PHE A 112 -6.76 -0.32 -5.21
N ASN A 113 -5.90 0.60 -5.55
CA ASN A 113 -6.01 1.75 -6.37
C ASN A 113 -4.95 1.82 -7.47
N LEU A 114 -3.69 1.51 -7.28
CA LEU A 114 -2.71 1.50 -8.38
C LEU A 114 -1.69 0.42 -8.12
N PRO A 115 -1.00 -0.03 -9.18
CA PRO A 115 0.03 -1.07 -9.01
C PRO A 115 1.34 -0.49 -8.42
N MET A 116 2.04 -1.35 -7.65
CA MET A 116 3.30 -0.92 -7.08
C MET A 116 4.13 -2.11 -6.70
N SER A 117 5.43 -1.88 -6.62
CA SER A 117 6.38 -2.87 -6.16
C SER A 117 7.34 -2.28 -5.13
N VAL A 118 7.88 -3.18 -4.33
CA VAL A 118 8.89 -2.89 -3.32
C VAL A 118 10.10 -3.78 -3.59
N THR A 119 11.24 -3.23 -3.92
CA THR A 119 12.43 -3.98 -4.30
C THR A 119 13.57 -3.66 -3.33
N PRO A 120 14.04 -4.62 -2.55
CA PRO A 120 15.21 -4.37 -1.69
C PRO A 120 16.45 -4.07 -2.54
N GLN A 121 17.28 -3.22 -2.02
CA GLN A 121 18.55 -2.82 -2.59
C GLN A 121 19.60 -3.15 -1.54
N GLY A 122 20.45 -4.10 -1.90
CA GLY A 122 21.39 -4.68 -0.99
C GLY A 122 20.68 -5.58 0.02
N GLY A 123 21.31 -5.75 1.17
CA GLY A 123 20.80 -6.68 2.15
C GLY A 123 21.20 -8.10 1.81
N THR A 124 20.86 -8.99 2.74
CA THR A 124 21.20 -10.40 2.55
C THR A 124 19.96 -11.23 2.91
N GLY A 125 20.03 -12.43 2.37
CA GLY A 125 18.85 -13.30 2.42
C GLY A 125 18.05 -13.35 1.13
N ASP A 126 16.86 -13.90 1.25
CA ASP A 126 15.98 -14.09 0.11
C ASP A 126 15.72 -12.78 -0.64
N CYS A 127 15.31 -11.78 0.11
CA CYS A 127 15.12 -10.41 -0.36
C CYS A 127 14.30 -10.36 -1.66
N LYS A 128 13.18 -11.08 -1.66
CA LYS A 128 12.29 -11.16 -2.82
C LYS A 128 11.58 -9.82 -3.03
N THR A 129 11.28 -9.48 -4.29
CA THR A 129 10.49 -8.32 -4.63
C THR A 129 9.04 -8.57 -4.28
N ALA A 130 8.46 -7.63 -3.55
CA ALA A 130 7.04 -7.63 -3.23
C ALA A 130 6.34 -6.82 -4.29
N SER A 131 5.21 -7.26 -4.82
CA SER A 131 4.65 -6.49 -5.94
C SER A 131 3.19 -6.85 -6.18
N CYS A 132 2.44 -5.83 -6.60
CA CYS A 132 1.16 -6.00 -7.29
C CYS A 132 1.28 -5.18 -8.57
N PRO A 133 1.73 -5.77 -9.67
CA PRO A 133 1.96 -5.02 -10.90
C PRO A 133 0.78 -4.98 -11.85
N ALA A 134 -0.24 -5.79 -11.58
CA ALA A 134 -1.40 -5.92 -12.47
C ALA A 134 -2.38 -4.78 -12.25
N ASN A 135 -3.15 -4.47 -13.29
CA ASN A 135 -4.30 -3.59 -13.14
C ASN A 135 -5.48 -4.34 -12.54
N VAL A 136 -5.51 -4.42 -11.22
CA VAL A 136 -6.56 -5.15 -10.54
C VAL A 136 -7.93 -4.57 -10.85
N ASN A 137 -8.03 -3.29 -11.15
CA ASN A 137 -9.30 -2.67 -11.49
C ASN A 137 -9.97 -3.40 -12.66
N ALA A 138 -9.23 -3.99 -13.57
CA ALA A 138 -9.76 -4.64 -14.77
C ALA A 138 -10.42 -5.97 -14.42
N VAL A 139 -10.20 -6.52 -13.23
CA VAL A 139 -10.79 -7.80 -12.82
C VAL A 139 -11.62 -7.65 -11.55
N CYS A 140 -11.91 -6.42 -11.16
CA CYS A 140 -12.68 -6.11 -9.95
C CYS A 140 -14.16 -6.38 -10.21
N PRO A 141 -14.79 -7.21 -9.39
CA PRO A 141 -16.23 -7.47 -9.60
C PRO A 141 -17.09 -6.28 -9.18
N SER A 142 -18.31 -6.22 -9.75
CA SER A 142 -19.13 -5.04 -9.54
C SER A 142 -19.25 -4.57 -8.09
N GLU A 143 -19.46 -5.52 -7.17
CA GLU A 143 -19.69 -5.21 -5.77
C GLU A 143 -18.48 -4.56 -5.11
N LEU A 144 -17.30 -4.72 -5.68
CA LEU A 144 -16.09 -4.13 -5.10
C LEU A 144 -15.59 -2.90 -5.86
N GLN A 145 -16.22 -2.54 -6.98
CA GLN A 145 -15.71 -1.42 -7.75
C GLN A 145 -15.96 -0.06 -7.10
N LYS A 146 -14.94 0.78 -7.15
CA LYS A 146 -15.08 2.23 -6.97
C LYS A 146 -15.02 2.85 -8.35
N LYS A 147 -16.08 3.54 -8.73
CA LYS A 147 -16.14 4.06 -10.09
C LYS A 147 -15.84 5.56 -10.15
N GLY A 148 -15.37 5.92 -11.33
CA GLY A 148 -15.17 7.31 -11.71
C GLY A 148 -16.43 7.86 -12.33
N SER A 149 -16.50 9.17 -12.49
CA SER A 149 -17.70 9.87 -12.97
C SER A 149 -18.06 9.37 -14.35
N ASP A 150 -17.10 8.82 -15.10
CA ASP A 150 -17.40 8.31 -16.44
C ASP A 150 -17.69 6.83 -16.48
N GLY A 151 -17.72 6.17 -15.34
CA GLY A 151 -18.12 4.77 -15.27
C GLY A 151 -16.98 3.78 -15.24
N SER A 152 -15.77 4.29 -15.39
CA SER A 152 -14.61 3.43 -15.31
C SER A 152 -14.34 3.02 -13.87
N VAL A 153 -13.60 1.96 -13.69
CA VAL A 153 -13.24 1.48 -12.36
C VAL A 153 -11.93 2.17 -11.96
N VAL A 154 -11.91 2.98 -10.91
CA VAL A 154 -10.66 3.66 -10.53
C VAL A 154 -9.98 2.98 -9.36
N ALA A 155 -10.67 2.12 -8.65
CA ALA A 155 -10.13 1.39 -7.51
C ALA A 155 -11.04 0.21 -7.19
N CYS A 156 -10.54 -0.69 -6.36
CA CYS A 156 -11.22 -1.93 -6.03
C CYS A 156 -11.17 -2.14 -4.52
N LEU A 157 -12.32 -2.16 -3.87
CA LEU A 157 -12.40 -2.41 -2.46
C LEU A 157 -11.97 -3.84 -2.16
N SER A 158 -11.39 -4.08 -0.97
CA SER A 158 -11.33 -5.43 -0.47
C SER A 158 -12.69 -5.79 0.16
N ALA A 159 -12.92 -7.10 0.30
CA ALA A 159 -14.15 -7.55 0.93
C ALA A 159 -14.21 -7.06 2.37
N CYS A 160 -13.05 -6.91 3.05
CA CYS A 160 -13.12 -6.34 4.39
C CYS A 160 -13.67 -4.92 4.38
N VAL A 161 -13.16 -4.09 3.49
CA VAL A 161 -13.64 -2.72 3.38
C VAL A 161 -15.11 -2.70 3.01
N LYS A 162 -15.55 -3.52 2.06
CA LYS A 162 -16.93 -3.52 1.60
C LYS A 162 -17.91 -4.03 2.64
N PHE A 163 -17.59 -5.13 3.30
CA PHE A 163 -18.55 -5.82 4.14
C PHE A 163 -18.28 -5.74 5.62
N GLY A 164 -17.03 -5.63 6.06
CA GLY A 164 -16.66 -5.41 7.43
C GLY A 164 -16.78 -6.49 8.45
N THR A 165 -16.93 -7.72 8.02
CA THR A 165 -17.27 -8.85 8.86
C THR A 165 -16.03 -9.66 9.17
N PRO A 166 -16.12 -10.46 10.23
CA PRO A 166 -14.95 -11.24 10.63
C PRO A 166 -14.42 -12.13 9.53
N GLN A 167 -15.27 -12.71 8.72
CA GLN A 167 -14.81 -13.64 7.67
C GLN A 167 -13.86 -13.00 6.68
N TYR A 168 -14.01 -11.70 6.42
CA TYR A 168 -13.24 -10.96 5.44
C TYR A 168 -12.13 -10.12 6.08
N CYS A 169 -12.35 -9.68 7.32
CA CYS A 169 -11.40 -8.82 8.03
C CYS A 169 -10.49 -9.57 8.97
N CYS A 170 -10.85 -10.80 9.32
CA CYS A 170 -10.12 -11.62 10.28
C CYS A 170 -10.08 -10.98 11.67
N THR A 171 -11.23 -10.45 12.07
CA THR A 171 -11.44 -9.90 13.40
C THR A 171 -12.09 -10.98 14.25
N PRO A 172 -12.12 -10.89 15.56
CA PRO A 172 -12.72 -11.97 16.38
C PRO A 172 -14.16 -12.27 15.99
N PRO A 173 -14.58 -13.53 16.02
CA PRO A 173 -13.83 -14.73 16.41
C PRO A 173 -13.04 -15.40 15.31
N GLN A 174 -12.76 -14.71 14.21
CA GLN A 174 -11.97 -15.26 13.11
C GLN A 174 -10.62 -14.57 13.00
N ASN A 175 -9.98 -14.49 14.16
CA ASN A 175 -8.76 -13.71 14.30
C ASN A 175 -7.51 -14.59 14.35
N THR A 176 -7.57 -15.74 13.72
CA THR A 176 -6.38 -16.59 13.57
C THR A 176 -6.34 -17.11 12.14
N PRO A 177 -5.19 -17.51 11.67
CA PRO A 177 -5.13 -18.06 10.29
C PRO A 177 -6.07 -19.22 10.04
N GLU A 178 -6.20 -20.19 10.95
CA GLU A 178 -7.15 -21.29 10.66
C GLU A 178 -8.62 -20.90 10.63
N THR A 179 -9.05 -19.92 11.40
CA THR A 179 -10.42 -19.46 11.51
C THR A 179 -10.71 -18.36 10.47
N CYS A 180 -9.65 -17.87 9.78
CA CYS A 180 -9.88 -16.90 8.74
C CYS A 180 -9.18 -17.36 7.46
N PRO A 181 -9.76 -18.37 6.83
CA PRO A 181 -9.16 -18.86 5.57
C PRO A 181 -9.41 -17.87 4.44
N PRO A 182 -8.75 -18.11 3.30
CA PRO A 182 -9.01 -17.30 2.13
C PRO A 182 -10.45 -17.51 1.71
N THR A 183 -10.94 -16.51 0.96
CA THR A 183 -12.29 -16.54 0.38
C THR A 183 -12.23 -16.33 -1.12
N ASN A 184 -13.41 -16.41 -1.73
CA ASN A 184 -13.56 -16.09 -3.16
C ASN A 184 -13.02 -14.70 -3.48
N TYR A 185 -13.23 -13.77 -2.58
CA TYR A 185 -12.71 -12.40 -2.75
C TYR A 185 -11.20 -12.31 -2.61
N SER A 186 -10.54 -12.88 -1.61
CA SER A 186 -9.10 -12.79 -1.46
C SER A 186 -8.50 -13.51 -2.67
N GLU A 187 -9.12 -14.56 -3.16
CA GLU A 187 -8.56 -15.28 -4.30
C GLU A 187 -8.47 -14.36 -5.52
N ILE A 188 -9.40 -13.46 -5.72
CA ILE A 188 -9.35 -12.54 -6.87
C ILE A 188 -8.05 -11.75 -6.81
N PHE A 189 -7.71 -11.25 -5.62
CA PHE A 189 -6.49 -10.47 -5.43
C PHE A 189 -5.26 -11.35 -5.54
N HIS A 190 -5.27 -12.55 -4.97
CA HIS A 190 -4.15 -13.44 -5.09
C HIS A 190 -3.87 -13.82 -6.53
N ASN A 191 -4.90 -14.11 -7.33
CA ASN A 191 -4.71 -14.51 -8.71
C ASN A 191 -4.11 -13.36 -9.50
N ALA A 192 -4.59 -12.15 -9.27
CA ALA A 192 -4.10 -10.98 -10.02
C ALA A 192 -2.68 -10.60 -9.58
N CYS A 193 -2.42 -10.72 -8.29
CA CYS A 193 -1.15 -10.24 -7.72
C CYS A 193 -0.64 -11.20 -6.67
N PRO A 194 -0.08 -12.32 -7.09
CA PRO A 194 0.30 -13.36 -6.13
C PRO A 194 1.47 -12.95 -5.24
N ASP A 195 2.17 -11.87 -5.53
CA ASP A 195 3.30 -11.39 -4.75
C ASP A 195 2.92 -10.22 -3.86
N ALA A 196 1.63 -10.05 -3.61
CA ALA A 196 1.08 -9.12 -2.67
C ALA A 196 0.11 -9.81 -1.73
N TYR A 197 -0.01 -9.30 -0.50
CA TYR A 197 -0.96 -9.91 0.42
C TYR A 197 -2.41 -9.72 -0.06
N SER A 198 -3.12 -10.82 -0.17
CA SER A 198 -4.50 -10.77 -0.67
C SER A 198 -5.55 -10.52 0.41
N TYR A 199 -5.19 -10.76 1.66
CA TYR A 199 -6.02 -10.54 2.82
C TYR A 199 -5.12 -10.66 4.04
N ALA A 200 -5.68 -10.49 5.23
CA ALA A 200 -4.87 -10.37 6.44
C ALA A 200 -3.99 -11.60 6.66
N TYR A 201 -4.45 -12.80 6.36
CA TYR A 201 -3.66 -14.00 6.66
C TYR A 201 -3.24 -14.70 5.37
N ASP A 202 -2.82 -13.91 4.36
CA ASP A 202 -2.25 -14.49 3.15
C ASP A 202 -1.08 -15.40 3.53
N ASP A 203 -1.00 -16.56 2.86
CA ASP A 203 0.00 -17.56 3.28
C ASP A 203 1.43 -17.12 2.91
N LYS A 204 1.59 -16.01 2.20
CA LYS A 204 2.92 -15.45 1.98
C LYS A 204 3.33 -14.43 3.03
N ARG A 205 2.49 -14.17 4.03
CA ARG A 205 2.83 -13.21 5.08
C ARG A 205 4.15 -13.63 5.70
N GLY A 206 5.10 -12.71 5.81
CA GLY A 206 6.38 -13.02 6.40
C GLY A 206 7.40 -13.61 5.46
N THR A 207 7.06 -13.87 4.20
CA THR A 207 8.02 -14.48 3.28
C THR A 207 8.80 -13.43 2.48
N PHE A 208 8.43 -12.18 2.60
CA PHE A 208 9.16 -11.04 2.02
C PHE A 208 9.99 -10.41 3.10
N THR A 209 11.26 -10.80 3.15
CA THR A 209 12.14 -10.43 4.24
C THR A 209 13.55 -10.30 3.72
N CYS A 210 14.35 -9.48 4.39
CA CYS A 210 15.69 -9.22 3.92
C CYS A 210 16.47 -8.69 5.11
N ASN A 211 17.69 -9.16 5.33
CA ASN A 211 18.52 -8.80 6.47
C ASN A 211 19.53 -7.71 6.13
N GLY A 212 20.09 -7.07 7.12
CA GLY A 212 21.22 -6.19 6.93
C GLY A 212 20.92 -4.77 6.51
N GLY A 213 19.80 -4.21 6.99
CA GLY A 213 19.48 -2.83 6.73
C GLY A 213 19.45 -2.45 5.26
N PRO A 214 18.78 -3.23 4.40
CA PRO A 214 18.75 -2.86 2.99
C PRO A 214 18.03 -1.53 2.77
N ASN A 215 18.34 -0.94 1.63
CA ASN A 215 17.54 0.19 1.11
C ASN A 215 16.39 -0.39 0.27
N TYR A 216 15.41 0.42 -0.14
CA TYR A 216 14.29 -0.03 -0.91
C TYR A 216 13.90 0.93 -2.02
N ALA A 217 13.53 0.34 -3.15
CA ALA A 217 12.93 1.10 -4.24
C ALA A 217 11.45 0.81 -4.27
N ILE A 218 10.62 1.83 -4.18
CA ILE A 218 9.19 1.71 -4.35
C ILE A 218 8.81 2.27 -5.72
N THR A 219 8.29 1.41 -6.60
CA THR A 219 7.95 1.82 -7.95
C THR A 219 6.43 1.76 -8.16
N PHE A 220 5.86 2.86 -8.61
CA PHE A 220 4.43 2.91 -8.99
C PHE A 220 4.32 2.52 -10.45
N CYS A 221 3.35 1.70 -10.79
CA CYS A 221 3.18 1.14 -12.14
C CYS A 221 4.46 0.45 -12.63
N PRO A 222 4.99 -0.50 -11.86
CA PRO A 222 6.22 -1.17 -12.30
C PRO A 222 6.05 -1.93 -13.60
#